data_7C63
#
_entry.id   7C63
#
_cell.length_a   58.520
_cell.length_b   62.930
_cell.length_c   104.020
_cell.angle_alpha   90.000
_cell.angle_beta   90.000
_cell.angle_gamma   90.000
#
_symmetry.space_group_name_H-M   'P 21 21 21'
#
loop_
_entity.id
_entity.type
_entity.pdbx_description
1 polymer 'Sugar ABC transporter, periplasmic sugar-binding protein'
2 non-polymer 'CHLORIDE ION'
3 non-polymer 'SULFITE ION'
4 non-polymer 'SULFATE ION'
5 non-polymer 1,2-ETHANEDIOL
6 non-polymer '2-HYDROXY BUTANE-1,4-DIOL'
7 non-polymer GLYCEROL
8 water water
#
_entity_poly.entity_id   1
_entity_poly.type   'polypeptide(L)'
_entity_poly.pdbx_seq_one_letter_code
;MQKTLEVWIMPNSPQPAEDFKALVAPFEKAHGVEVKVTVLDWGVAWTKITTAATSGVGPDLTQLGTTWVGAISAMGVLEP
VDDVLEALGGEKAYLPAVWRTTRLEGARQATAVPWFSELRAFYYRTDALKAAGVNPAEMFASWQGFEAGLARLKASSFRD
PETKAPLAPLCTPGKNSWDVLHNAAPWIWGAGGEIVRQAGGRWQSALNSPESLEGLYFFLSLAQKGYVPAESLEKNTAQI
EADFQAGKCAVFASGPWMIQRAQVPEAKGGFAERTAAKNLGVAPYPAGPKGRYTFFGGSNLALFNFSKNKPLAKELLKYL
GGPEAQVRYAQMTGMLPALRSAWSDPSFQQNPLLRTFIQAAQFGRTYPSLAGWGGVENLAVQHLGMAWDLVAQGRLTREA
LKDLMDKASAAINQALRHHHHHH
;
_entity_poly.pdbx_strand_id   A
#
# COMPACT_ATOMS: atom_id res chain seq x y z
N THR A 4 -6.05 23.95 22.67
CA THR A 4 -5.21 23.56 21.43
C THR A 4 -5.38 22.09 21.09
N LEU A 5 -5.58 21.79 19.83
CA LEU A 5 -5.74 20.41 19.42
C LEU A 5 -4.36 19.80 19.27
N GLU A 6 -4.30 18.52 19.58
CA GLU A 6 -3.06 17.72 19.43
C GLU A 6 -3.33 16.60 18.44
N VAL A 7 -2.49 16.52 17.41
CA VAL A 7 -2.63 15.47 16.39
C VAL A 7 -1.33 14.64 16.41
N TRP A 8 -1.47 13.31 16.38
CA TRP A 8 -0.34 12.39 16.15
C TRP A 8 -0.32 11.95 14.70
N ILE A 9 0.84 12.07 14.02
CA ILE A 9 0.95 11.61 12.65
C ILE A 9 2.19 10.74 12.54
N MET A 10 2.31 10.05 11.41
CA MET A 10 3.55 9.29 11.05
C MET A 10 4.30 10.10 10.01
N PRO A 11 5.53 9.67 9.65
CA PRO A 11 6.34 10.44 8.69
C PRO A 11 5.88 10.32 7.25
N ASN A 12 4.88 11.10 6.86
CA ASN A 12 4.09 10.87 5.62
C ASN A 12 4.79 11.58 4.45
N SER A 13 5.71 12.51 4.74
CA SER A 13 6.26 13.42 3.71
C SER A 13 7.65 13.78 4.21
N PRO A 14 8.45 14.39 3.33
CA PRO A 14 9.80 14.65 3.74
C PRO A 14 10.07 15.49 5.00
N GLN A 15 9.26 16.52 5.22
CA GLN A 15 9.28 17.31 6.49
C GLN A 15 7.89 17.15 7.11
N PRO A 16 7.68 16.03 7.81
CA PRO A 16 6.28 15.63 8.11
C PRO A 16 5.46 16.60 8.98
N ALA A 17 6.09 17.11 10.06
CA ALA A 17 5.43 18.09 10.95
C ALA A 17 5.19 19.38 10.19
N GLU A 18 6.19 19.89 9.49
CA GLU A 18 6.07 21.14 8.73
C GLU A 18 4.97 21.06 7.68
N ASP A 19 4.95 19.98 6.95
CA ASP A 19 3.91 19.82 5.91
C ASP A 19 2.52 19.80 6.52
N PHE A 20 2.40 19.12 7.64
CA PHE A 20 1.12 19.02 8.31
C PHE A 20 0.70 20.41 8.83
N LYS A 21 1.64 21.16 9.44
CA LYS A 21 1.35 22.52 9.88
C LYS A 21 0.93 23.41 8.71
N ALA A 22 1.64 23.34 7.58
CA ALA A 22 1.26 24.17 6.41
C ALA A 22 -0.14 23.76 5.95
N LEU A 23 -0.41 22.46 6.04
CA LEU A 23 -1.71 21.91 5.55
C LEU A 23 -2.90 22.49 6.32
N VAL A 24 -2.75 22.64 7.64
CA VAL A 24 -3.84 23.05 8.54
C VAL A 24 -3.85 24.57 8.77
N ALA A 25 -2.85 25.29 8.27
CA ALA A 25 -2.74 26.75 8.47
C ALA A 25 -4.09 27.41 8.16
N PRO A 26 -4.78 27.15 7.04
CA PRO A 26 -6.10 27.81 6.88
C PRO A 26 -7.20 27.51 7.90
N PHE A 27 -7.23 26.26 8.39
CA PHE A 27 -8.13 25.86 9.45
C PHE A 27 -7.80 26.66 10.71
N GLU A 28 -6.51 26.74 11.05
CA GLU A 28 -6.01 27.51 12.21
C GLU A 28 -6.46 28.97 12.13
N LYS A 29 -6.34 29.52 10.96
CA LYS A 29 -6.74 30.96 10.80
C LYS A 29 -8.25 31.09 10.96
N ALA A 30 -9.05 30.20 10.38
CA ALA A 30 -10.53 30.34 10.39
C ALA A 30 -11.12 30.03 11.76
N HIS A 31 -10.42 29.28 12.60
CA HIS A 31 -10.92 28.81 13.90
C HIS A 31 -10.22 29.61 15.01
N GLY A 32 -9.17 30.32 14.62
CA GLY A 32 -8.34 31.16 15.52
C GLY A 32 -7.63 30.30 16.53
N VAL A 33 -7.12 29.13 16.13
CA VAL A 33 -6.36 28.19 16.99
C VAL A 33 -5.06 27.75 16.34
N GLU A 34 -4.14 27.27 17.16
CA GLU A 34 -2.99 26.44 16.68
C GLU A 34 -3.41 24.97 16.88
N VAL A 35 -2.97 24.19 15.95
CA VAL A 35 -3.02 22.72 16.06
C VAL A 35 -1.58 22.29 16.30
N LYS A 36 -1.32 21.52 17.33
CA LYS A 36 -0.01 20.96 17.62
C LYS A 36 0.09 19.57 17.00
N VAL A 37 1.25 19.27 16.48
CA VAL A 37 1.53 18.00 15.83
C VAL A 37 2.72 17.35 16.47
N THR A 38 2.59 16.04 16.68
CA THR A 38 3.73 15.17 17.07
C THR A 38 3.88 14.05 16.05
N VAL A 39 5.08 13.82 15.55
CA VAL A 39 5.38 12.79 14.54
C VAL A 39 5.89 11.54 15.27
N LEU A 40 5.24 10.41 15.06
CA LEU A 40 5.61 9.12 15.63
C LEU A 40 6.30 8.32 14.54
N ASP A 41 7.48 7.78 14.81
CA ASP A 41 8.07 6.86 13.81
C ASP A 41 7.20 5.63 13.66
N TRP A 42 7.17 5.09 12.44
CA TRP A 42 6.29 3.96 12.06
C TRP A 42 6.60 2.79 12.99
N GLY A 43 7.85 2.71 13.44
CA GLY A 43 8.33 1.64 14.34
C GLY A 43 7.58 1.58 15.64
N VAL A 44 7.33 2.73 16.28
CA VAL A 44 6.82 2.89 17.67
C VAL A 44 5.39 3.40 17.63
N ALA A 45 4.89 3.77 16.46
CA ALA A 45 3.58 4.44 16.41
C ALA A 45 2.54 3.52 17.08
N TRP A 46 2.51 2.26 16.68
CA TRP A 46 1.47 1.37 17.19
C TRP A 46 1.51 1.24 18.71
N THR A 47 2.69 1.11 19.30
CA THR A 47 2.86 1.01 20.76
C THR A 47 2.34 2.27 21.44
N LYS A 48 2.68 3.44 20.89
CA LYS A 48 2.28 4.70 21.49
C LYS A 48 0.75 4.79 21.43
N ILE A 49 0.18 4.45 20.26
CA ILE A 49 -1.28 4.60 20.08
C ILE A 49 -2.03 3.61 20.96
N THR A 50 -1.52 2.39 21.16
CA THR A 50 -2.21 1.44 22.06
CA THR A 50 -2.15 1.40 22.07
C THR A 50 -2.07 1.90 23.52
N THR A 51 -0.92 2.47 23.91
CA THR A 51 -0.72 3.03 25.28
C THR A 51 -1.68 4.19 25.54
N ALA A 52 -1.91 5.02 24.53
CA ALA A 52 -2.91 6.09 24.65
C ALA A 52 -4.32 5.52 24.78
N ALA A 53 -4.65 4.48 23.97
CA ALA A 53 -5.97 3.83 24.01
C ALA A 53 -6.26 3.25 25.41
N THR A 54 -5.27 2.57 26.00
CA THR A 54 -5.45 1.93 27.33
C THR A 54 -5.46 2.93 28.48
N SER A 55 -4.66 3.99 28.39
CA SER A 55 -4.46 4.94 29.50
C SER A 55 -5.42 6.14 29.51
N GLY A 56 -5.90 6.56 28.35
CA GLY A 56 -6.66 7.80 28.23
C GLY A 56 -5.76 9.02 28.11
N VAL A 57 -4.49 8.78 27.93
CA VAL A 57 -3.49 9.87 27.85
C VAL A 57 -2.99 9.86 26.40
N GLY A 58 -3.40 10.86 25.67
CA GLY A 58 -3.06 10.91 24.24
C GLY A 58 -3.50 12.20 23.56
N PRO A 59 -3.45 12.15 22.20
CA PRO A 59 -3.81 13.31 21.42
C PRO A 59 -5.32 13.37 21.26
N ASP A 60 -5.81 14.39 20.57
CA ASP A 60 -7.23 14.47 20.16
C ASP A 60 -7.40 13.52 18.96
N LEU A 61 -6.62 13.75 17.91
CA LEU A 61 -6.64 12.94 16.67
C LEU A 61 -5.36 12.12 16.57
N THR A 62 -5.48 10.94 15.98
CA THR A 62 -4.31 10.16 15.59
C THR A 62 -4.51 9.68 14.18
N GLN A 63 -3.43 9.67 13.46
CA GLN A 63 -3.32 8.83 12.25
C GLN A 63 -3.37 7.34 12.60
N LEU A 64 -3.97 6.52 11.76
CA LEU A 64 -3.96 5.04 11.92
C LEU A 64 -3.71 4.48 10.55
N GLY A 65 -2.84 3.52 10.45
CA GLY A 65 -2.79 2.75 9.20
C GLY A 65 -4.12 2.07 9.00
N THR A 66 -4.53 1.91 7.75
CA THR A 66 -5.84 1.32 7.43
C THR A 66 -6.01 -0.04 8.10
N THR A 67 -4.95 -0.82 8.29
CA THR A 67 -5.11 -2.17 8.85
C THR A 67 -5.26 -2.13 10.37
N TRP A 68 -5.05 -1.00 11.00
CA TRP A 68 -5.13 -0.85 12.47
C TRP A 68 -6.54 -0.46 12.94
N VAL A 69 -7.39 -0.04 12.01
CA VAL A 69 -8.68 0.54 12.36
C VAL A 69 -9.51 -0.47 13.20
N GLY A 70 -9.56 -1.71 12.73
CA GLY A 70 -10.39 -2.74 13.41
C GLY A 70 -9.91 -2.93 14.84
N ALA A 71 -8.60 -3.11 15.05
CA ALA A 71 -8.07 -3.37 16.41
C ALA A 71 -8.36 -2.19 17.33
N ILE A 72 -8.07 -0.96 16.93
CA ILE A 72 -8.29 0.17 17.88
C ILE A 72 -9.79 0.38 18.09
N SER A 73 -10.62 0.22 17.05
CA SER A 73 -12.09 0.36 17.16
C SER A 73 -12.61 -0.60 18.22
N ALA A 74 -12.11 -1.80 18.15
CA ALA A 74 -12.64 -2.88 19.02
C ALA A 74 -12.32 -2.56 20.47
N MET A 75 -11.35 -1.69 20.75
CA MET A 75 -10.98 -1.29 22.14
C MET A 75 -12.02 -0.33 22.73
N GLY A 76 -12.95 0.22 21.96
CA GLY A 76 -13.97 1.13 22.50
C GLY A 76 -13.50 2.51 22.78
N VAL A 77 -12.39 2.92 22.14
CA VAL A 77 -11.78 4.23 22.47
C VAL A 77 -11.98 5.27 21.36
N LEU A 78 -12.63 4.89 20.25
CA LEU A 78 -12.77 5.85 19.14
C LEU A 78 -14.16 6.46 19.08
N GLU A 79 -14.19 7.74 18.82
CA GLU A 79 -15.45 8.47 18.62
C GLU A 79 -16.07 8.09 17.29
N PRO A 80 -17.38 7.81 17.21
CA PRO A 80 -18.03 7.63 15.90
C PRO A 80 -17.91 8.86 15.03
N VAL A 81 -17.69 8.65 13.74
CA VAL A 81 -17.47 9.79 12.82
C VAL A 81 -18.43 9.64 11.63
N ASP A 82 -19.56 8.96 11.79
CA ASP A 82 -20.53 8.88 10.65
C ASP A 82 -20.93 10.28 10.21
N ASP A 83 -21.05 11.23 11.14
CA ASP A 83 -21.43 12.63 10.85
C ASP A 83 -20.39 13.26 9.91
N VAL A 84 -19.11 13.09 10.23
CA VAL A 84 -18.05 13.68 9.37
C VAL A 84 -18.15 13.07 7.98
N LEU A 85 -18.25 11.75 7.85
CA LEU A 85 -18.24 11.07 6.55
C LEU A 85 -19.46 11.46 5.76
N GLU A 86 -20.60 11.63 6.41
CA GLU A 86 -21.80 12.12 5.67
CA GLU A 86 -21.81 12.13 5.69
C GLU A 86 -21.52 13.53 5.14
N ALA A 87 -20.88 14.38 5.94
CA ALA A 87 -20.54 15.77 5.58
C ALA A 87 -19.63 15.78 4.36
N LEU A 88 -18.78 14.76 4.19
CA LEU A 88 -17.82 14.66 3.07
C LEU A 88 -18.46 13.97 1.86
N GLY A 89 -19.71 13.50 1.99
CA GLY A 89 -20.37 12.88 0.85
C GLY A 89 -20.78 11.43 1.01
N GLY A 90 -20.53 10.84 2.17
CA GLY A 90 -20.92 9.45 2.48
C GLY A 90 -20.23 8.44 1.60
N GLU A 91 -20.77 7.24 1.55
CA GLU A 91 -20.19 6.05 0.91
C GLU A 91 -19.79 6.31 -0.53
N LYS A 92 -20.56 7.08 -1.30
CA LYS A 92 -20.24 7.27 -2.72
C LYS A 92 -19.05 8.24 -2.87
N ALA A 93 -18.56 8.86 -1.81
CA ALA A 93 -17.39 9.79 -1.88
C ALA A 93 -16.06 9.02 -1.96
N TYR A 94 -16.07 7.71 -1.77
CA TYR A 94 -14.85 6.88 -1.66
C TYR A 94 -14.92 5.67 -2.59
N LEU A 95 -13.77 5.18 -3.03
CA LEU A 95 -13.67 3.84 -3.59
C LEU A 95 -14.16 2.84 -2.56
N PRO A 96 -14.95 1.83 -2.95
CA PRO A 96 -15.40 0.85 -1.96
C PRO A 96 -14.30 0.28 -1.06
N ALA A 97 -13.12 -0.08 -1.61
CA ALA A 97 -12.02 -0.63 -0.81
C ALA A 97 -11.67 0.37 0.29
N VAL A 98 -11.74 1.67 -0.01
CA VAL A 98 -11.36 2.71 0.98
C VAL A 98 -12.47 2.84 2.03
N TRP A 99 -13.70 2.83 1.60
CA TRP A 99 -14.84 2.92 2.54
C TRP A 99 -14.75 1.78 3.56
N ARG A 100 -14.33 0.60 3.14
CA ARG A 100 -14.27 -0.55 4.09
C ARG A 100 -13.29 -0.25 5.23
N THR A 101 -12.36 0.67 5.05
CA THR A 101 -11.32 0.97 6.08
C THR A 101 -11.87 1.96 7.12
N THR A 102 -13.11 2.43 6.96
CA THR A 102 -13.69 3.42 7.90
C THR A 102 -14.22 2.79 9.18
N ARG A 103 -14.25 1.45 9.23
CA ARG A 103 -14.95 0.78 10.34
C ARG A 103 -14.31 -0.56 10.59
N LEU A 104 -14.55 -1.10 11.76
CA LEU A 104 -14.44 -2.52 12.05
C LEU A 104 -15.36 -3.27 11.12
N GLU A 105 -14.87 -4.37 10.58
CA GLU A 105 -15.65 -5.15 9.63
C GLU A 105 -17.00 -5.57 10.21
N GLY A 106 -18.08 -5.24 9.50
CA GLY A 106 -19.46 -5.57 9.90
C GLY A 106 -20.06 -4.62 10.91
N ALA A 107 -19.38 -3.58 11.29
CA ALA A 107 -19.95 -2.51 12.13
C ALA A 107 -20.73 -1.59 11.17
N ARG A 108 -21.75 -0.96 11.63
CA ARG A 108 -22.47 0.01 10.80
CA ARG A 108 -22.57 -0.03 10.89
C ARG A 108 -22.25 1.37 11.41
N GLN A 109 -21.06 1.55 11.99
CA GLN A 109 -20.68 2.83 12.61
C GLN A 109 -19.23 3.09 12.23
N ALA A 110 -18.95 4.20 11.57
CA ALA A 110 -17.59 4.57 11.18
C ALA A 110 -16.82 5.07 12.39
N THR A 111 -15.56 4.66 12.50
CA THR A 111 -14.61 5.13 13.52
C THR A 111 -13.35 5.75 12.95
N ALA A 112 -13.22 5.82 11.61
CA ALA A 112 -12.02 6.47 11.07
C ALA A 112 -12.37 7.17 9.76
N VAL A 113 -11.70 8.28 9.51
CA VAL A 113 -11.93 9.11 8.31
C VAL A 113 -10.79 8.83 7.34
N PRO A 114 -11.06 8.51 6.07
CA PRO A 114 -9.97 8.23 5.14
C PRO A 114 -9.11 9.48 4.96
N TRP A 115 -7.78 9.32 5.00
CA TRP A 115 -6.86 10.47 4.84
C TRP A 115 -6.09 10.39 3.54
N PHE A 116 -5.33 9.33 3.33
CA PHE A 116 -4.66 9.15 2.03
C PHE A 116 -4.46 7.66 1.75
N SER A 117 -4.36 7.34 0.47
CA SER A 117 -4.26 5.93 0.00
C SER A 117 -2.86 5.63 -0.47
N GLU A 118 -2.36 4.44 -0.25
CA GLU A 118 -1.12 3.93 -0.83
C GLU A 118 -1.52 2.81 -1.76
N LEU A 119 -1.36 2.99 -3.03
CA LEU A 119 -1.62 1.87 -3.95
C LEU A 119 -0.38 1.59 -4.75
N ARG A 120 -0.33 0.37 -5.28
CA ARG A 120 0.91 -0.02 -5.97
CA ARG A 120 0.86 -0.25 -5.88
C ARG A 120 0.61 -0.51 -7.37
N ALA A 121 1.54 -0.14 -8.21
CA ALA A 121 1.50 -0.46 -9.66
C ALA A 121 2.93 -0.75 -10.11
N PHE A 122 3.11 -1.16 -11.34
CA PHE A 122 4.47 -1.49 -11.85
C PHE A 122 5.04 -0.27 -12.56
N TYR A 123 6.22 0.10 -12.14
CA TYR A 123 7.12 0.95 -12.93
C TYR A 123 7.92 0.11 -13.89
N TYR A 124 8.18 0.65 -15.06
CA TYR A 124 9.00 -0.05 -16.05
C TYR A 124 9.88 0.92 -16.85
N ARG A 125 10.97 0.36 -17.35
CA ARG A 125 11.92 1.06 -18.25
C ARG A 125 11.38 1.03 -19.66
N THR A 126 10.90 2.16 -20.18
CA THR A 126 10.26 2.19 -21.50
C THR A 126 11.30 1.84 -22.55
N ASP A 127 12.57 2.23 -22.34
CA ASP A 127 13.65 1.95 -23.30
C ASP A 127 13.95 0.44 -23.33
N ALA A 128 14.05 -0.19 -22.15
CA ALA A 128 14.30 -1.64 -22.07
C ALA A 128 13.17 -2.38 -22.77
N LEU A 129 11.92 -1.99 -22.52
CA LEU A 129 10.87 -2.83 -23.12
C LEU A 129 10.92 -2.63 -24.65
N LYS A 130 11.15 -1.41 -25.10
CA LYS A 130 11.26 -1.14 -26.56
C LYS A 130 12.39 -2.00 -27.15
N ALA A 131 13.55 -2.07 -26.51
CA ALA A 131 14.71 -2.86 -26.99
C ALA A 131 14.47 -4.38 -26.95
N ALA A 132 13.64 -4.88 -26.05
CA ALA A 132 13.35 -6.32 -25.90
C ALA A 132 12.22 -6.72 -26.82
N GLY A 133 11.61 -5.78 -27.54
CA GLY A 133 10.43 -6.03 -28.38
C GLY A 133 9.17 -6.35 -27.60
N VAL A 134 8.96 -5.67 -26.48
CA VAL A 134 7.82 -5.99 -25.57
C VAL A 134 6.81 -4.86 -25.56
N ASN A 135 5.59 -5.16 -25.94
CA ASN A 135 4.50 -4.16 -25.88
C ASN A 135 4.10 -4.00 -24.42
N PRO A 136 4.24 -2.82 -23.79
CA PRO A 136 3.90 -2.68 -22.38
C PRO A 136 2.44 -3.01 -22.06
N ALA A 137 1.50 -2.53 -22.87
CA ALA A 137 0.07 -2.81 -22.59
C ALA A 137 -0.14 -4.32 -22.49
N GLU A 138 0.48 -5.08 -23.37
CA GLU A 138 0.19 -6.53 -23.34
C GLU A 138 1.06 -7.19 -22.23
N MET A 139 2.23 -6.69 -21.90
CA MET A 139 3.00 -7.27 -20.77
C MET A 139 2.21 -7.14 -19.46
N PHE A 140 1.54 -6.01 -19.27
CA PHE A 140 0.90 -5.73 -17.98
C PHE A 140 -0.58 -6.04 -18.03
N ALA A 141 -1.09 -6.66 -19.07
CA ALA A 141 -2.53 -6.94 -19.16
C ALA A 141 -2.86 -8.26 -18.48
N SER A 142 -2.00 -9.28 -18.53
CA SER A 142 -2.36 -10.65 -18.10
C SER A 142 -1.12 -11.33 -17.52
N TRP A 143 -1.32 -12.39 -16.74
CA TRP A 143 -0.21 -13.22 -16.26
C TRP A 143 0.66 -13.71 -17.43
N GLN A 144 0.03 -14.24 -18.50
CA GLN A 144 0.75 -14.85 -19.63
C GLN A 144 1.62 -13.72 -20.25
N GLY A 145 1.04 -12.56 -20.46
CA GLY A 145 1.80 -11.43 -21.05
C GLY A 145 2.93 -11.01 -20.15
N PHE A 146 2.68 -11.03 -18.84
CA PHE A 146 3.70 -10.57 -17.89
C PHE A 146 4.92 -11.52 -17.91
N GLU A 147 4.72 -12.83 -17.79
CA GLU A 147 5.83 -13.81 -17.74
C GLU A 147 6.49 -13.84 -19.13
N ALA A 148 5.73 -13.69 -20.22
CA ALA A 148 6.35 -13.64 -21.58
C ALA A 148 7.26 -12.41 -21.67
N GLY A 149 6.81 -11.28 -21.13
CA GLY A 149 7.60 -10.05 -21.16
C GLY A 149 8.89 -10.22 -20.39
N LEU A 150 8.83 -10.87 -19.22
CA LEU A 150 10.05 -11.03 -18.41
C LEU A 150 11.02 -11.95 -19.16
N ALA A 151 10.50 -12.95 -19.87
CA ALA A 151 11.31 -13.92 -20.66
C ALA A 151 12.08 -13.12 -21.70
N ARG A 152 11.37 -12.23 -22.39
CA ARG A 152 11.97 -11.43 -23.48
C ARG A 152 12.98 -10.48 -22.88
N LEU A 153 12.65 -9.85 -21.75
CA LEU A 153 13.58 -8.95 -21.07
C LEU A 153 14.85 -9.68 -20.59
N LYS A 154 14.73 -10.94 -20.13
CA LYS A 154 15.91 -11.71 -19.73
C LYS A 154 16.82 -11.98 -20.94
N ALA A 155 16.24 -12.27 -22.10
CA ALA A 155 16.97 -12.70 -23.34
C ALA A 155 17.64 -11.47 -23.94
N SER A 156 17.16 -10.28 -23.62
CA SER A 156 17.49 -9.04 -24.34
C SER A 156 18.98 -8.74 -24.18
N SER A 157 19.59 -8.25 -25.27
CA SER A 157 20.99 -7.80 -25.32
C SER A 157 21.07 -6.36 -24.79
N PHE A 158 19.94 -5.74 -24.45
CA PHE A 158 19.92 -4.32 -24.05
C PHE A 158 20.84 -4.12 -22.85
N ARG A 159 21.56 -2.99 -22.82
CA ARG A 159 22.31 -2.63 -21.61
C ARG A 159 21.97 -1.19 -21.26
N ASP A 160 22.04 -0.88 -19.98
CA ASP A 160 21.70 0.47 -19.53
C ASP A 160 22.79 1.36 -20.10
N PRO A 161 22.46 2.54 -20.70
CA PRO A 161 23.50 3.43 -21.23
C PRO A 161 24.56 3.86 -20.21
N GLU A 162 24.19 4.01 -18.94
CA GLU A 162 25.06 4.48 -17.84
C GLU A 162 25.80 3.27 -17.25
N THR A 163 25.13 2.17 -16.85
CA THR A 163 25.81 1.01 -16.19
C THR A 163 26.59 0.17 -17.20
N LYS A 164 26.21 0.23 -18.48
CA LYS A 164 26.81 -0.62 -19.53
C LYS A 164 26.63 -2.09 -19.13
N ALA A 165 25.62 -2.41 -18.31
CA ALA A 165 25.28 -3.79 -17.89
C ALA A 165 23.83 -4.10 -18.23
N PRO A 166 23.46 -5.40 -18.28
CA PRO A 166 22.08 -5.80 -18.47
C PRO A 166 21.24 -5.26 -17.29
N LEU A 167 19.95 -5.20 -17.50
CA LEU A 167 19.00 -4.92 -16.42
C LEU A 167 18.41 -6.24 -15.92
N ALA A 168 18.12 -6.34 -14.63
CA ALA A 168 17.31 -7.45 -14.12
C ALA A 168 15.91 -7.28 -14.68
N PRO A 169 15.26 -8.34 -15.17
CA PRO A 169 13.87 -8.20 -15.61
C PRO A 169 12.93 -7.63 -14.56
N LEU A 170 12.99 -8.18 -13.37
CA LEU A 170 12.05 -7.83 -12.28
C LEU A 170 12.82 -7.77 -10.99
N CYS A 171 12.59 -6.73 -10.21
CA CYS A 171 13.11 -6.73 -8.83
C CYS A 171 11.94 -6.75 -7.89
N THR A 172 11.99 -7.62 -6.88
CA THR A 172 10.96 -7.69 -5.82
C THR A 172 11.69 -8.21 -4.58
N PRO A 173 11.28 -7.72 -3.42
CA PRO A 173 11.86 -8.23 -2.18
C PRO A 173 11.26 -9.59 -1.83
N GLY A 174 12.00 -10.36 -1.03
CA GLY A 174 11.51 -11.60 -0.42
C GLY A 174 11.71 -11.64 1.07
N LYS A 175 11.80 -10.50 1.74
CA LYS A 175 12.00 -10.44 3.21
CA LYS A 175 12.01 -10.47 3.21
C LYS A 175 10.70 -10.76 3.95
N ASN A 176 10.83 -11.19 5.19
CA ASN A 176 9.69 -11.46 6.10
C ASN A 176 9.22 -10.13 6.68
N SER A 177 8.92 -9.13 5.84
CA SER A 177 8.32 -7.83 6.23
C SER A 177 6.86 -7.73 5.80
N TRP A 178 6.10 -6.83 6.37
CA TRP A 178 4.68 -6.58 5.97
C TRP A 178 4.57 -6.39 4.44
N ASP A 179 5.60 -5.85 3.77
CA ASP A 179 5.55 -5.69 2.28
CA ASP A 179 5.57 -5.69 2.28
C ASP A 179 5.42 -7.06 1.64
N VAL A 180 5.83 -8.15 2.33
CA VAL A 180 5.69 -9.51 1.72
C VAL A 180 4.21 -9.75 1.36
N LEU A 181 3.32 -9.40 2.21
CA LEU A 181 1.94 -9.78 2.08
C LEU A 181 1.33 -8.83 1.04
N HIS A 182 1.64 -7.54 1.05
CA HIS A 182 0.96 -6.71 0.04
C HIS A 182 1.54 -6.90 -1.35
N ASN A 183 2.77 -7.36 -1.49
CA ASN A 183 3.36 -7.69 -2.81
C ASN A 183 2.76 -9.00 -3.32
N ALA A 184 2.36 -9.88 -2.44
CA ALA A 184 1.72 -11.17 -2.86
C ALA A 184 0.23 -10.95 -3.20
N ALA A 185 -0.45 -10.04 -2.45
CA ALA A 185 -1.93 -9.94 -2.47
C ALA A 185 -2.51 -9.84 -3.86
N PRO A 186 -2.02 -9.01 -4.79
CA PRO A 186 -2.68 -8.96 -6.09
C PRO A 186 -2.63 -10.29 -6.85
N TRP A 187 -1.59 -11.07 -6.66
CA TRP A 187 -1.45 -12.38 -7.31
C TRP A 187 -2.43 -13.36 -6.70
N ILE A 188 -2.51 -13.40 -5.39
CA ILE A 188 -3.54 -14.20 -4.67
C ILE A 188 -4.92 -13.82 -5.19
N TRP A 189 -5.24 -12.55 -5.17
CA TRP A 189 -6.58 -12.10 -5.52
C TRP A 189 -6.90 -12.36 -7.01
N GLY A 190 -5.95 -12.08 -7.91
CA GLY A 190 -6.12 -12.26 -9.34
C GLY A 190 -6.33 -13.71 -9.68
N ALA A 191 -5.83 -14.61 -8.88
CA ALA A 191 -6.10 -16.05 -9.10
C ALA A 191 -7.49 -16.48 -8.61
N GLY A 192 -8.18 -15.59 -7.88
CA GLY A 192 -9.46 -15.91 -7.25
C GLY A 192 -9.34 -16.28 -5.82
N GLY A 193 -8.19 -16.09 -5.19
CA GLY A 193 -8.00 -16.43 -3.78
C GLY A 193 -8.15 -15.25 -2.88
N GLU A 194 -7.85 -15.51 -1.63
CA GLU A 194 -7.86 -14.52 -0.53
C GLU A 194 -6.87 -14.96 0.50
N ILE A 195 -6.54 -14.03 1.38
CA ILE A 195 -5.74 -14.31 2.56
C ILE A 195 -6.66 -14.90 3.65
N VAL A 196 -7.78 -14.27 3.94
CA VAL A 196 -8.83 -14.81 4.83
C VAL A 196 -10.17 -14.62 4.16
N ARG A 197 -11.09 -15.46 4.54
CA ARG A 197 -12.43 -15.38 3.97
C ARG A 197 -13.41 -15.89 5.02
N GLN A 198 -14.67 -15.53 4.79
CA GLN A 198 -15.75 -16.14 5.54
C GLN A 198 -16.18 -17.41 4.79
N ALA A 199 -16.24 -18.46 5.53
CA ALA A 199 -16.71 -19.76 5.04
C ALA A 199 -17.20 -20.59 6.21
N GLY A 200 -18.27 -21.36 6.01
CA GLY A 200 -18.58 -22.34 7.05
C GLY A 200 -18.88 -21.70 8.39
N GLY A 201 -19.43 -20.48 8.39
CA GLY A 201 -19.82 -19.78 9.61
C GLY A 201 -18.67 -19.07 10.31
N ARG A 202 -17.47 -19.03 9.75
CA ARG A 202 -16.28 -18.49 10.50
C ARG A 202 -15.41 -17.69 9.53
N TRP A 203 -14.53 -16.86 10.07
CA TRP A 203 -13.35 -16.38 9.33
C TRP A 203 -12.28 -17.45 9.36
N GLN A 204 -11.67 -17.68 8.21
CA GLN A 204 -10.63 -18.73 8.11
C GLN A 204 -9.59 -18.23 7.13
N SER A 205 -8.40 -18.78 7.25
CA SER A 205 -7.34 -18.59 6.25
C SER A 205 -7.79 -19.20 4.93
N ALA A 206 -7.49 -18.51 3.84
CA ALA A 206 -7.57 -19.08 2.48
C ALA A 206 -6.24 -19.13 1.78
N LEU A 207 -5.13 -18.95 2.51
CA LEU A 207 -3.80 -19.05 1.93
C LEU A 207 -3.51 -20.41 1.31
N ASN A 208 -4.17 -21.48 1.78
CA ASN A 208 -3.87 -22.84 1.29
C ASN A 208 -4.99 -23.27 0.31
N SER A 209 -5.83 -22.36 -0.16
CA SER A 209 -6.85 -22.67 -1.22
C SER A 209 -6.11 -22.90 -2.52
N PRO A 210 -6.63 -23.77 -3.41
CA PRO A 210 -6.02 -23.94 -4.74
C PRO A 210 -5.79 -22.62 -5.47
N GLU A 211 -6.75 -21.71 -5.39
CA GLU A 211 -6.60 -20.44 -6.12
C GLU A 211 -5.51 -19.59 -5.47
N SER A 212 -5.51 -19.44 -4.15
CA SER A 212 -4.43 -18.66 -3.51
C SER A 212 -3.07 -19.24 -3.81
N LEU A 213 -2.93 -20.58 -3.79
CA LEU A 213 -1.64 -21.27 -4.11
C LEU A 213 -1.23 -21.02 -5.57
N GLU A 214 -2.17 -21.02 -6.49
CA GLU A 214 -1.93 -20.73 -7.91
C GLU A 214 -1.27 -19.37 -8.03
N GLY A 215 -1.88 -18.35 -7.42
CA GLY A 215 -1.33 -17.00 -7.50
C GLY A 215 0.00 -16.91 -6.85
N LEU A 216 0.14 -17.43 -5.67
CA LEU A 216 1.42 -17.38 -4.93
C LEU A 216 2.51 -18.05 -5.71
N TYR A 217 2.23 -19.28 -6.22
CA TYR A 217 3.25 -20.00 -7.00
C TYR A 217 3.60 -19.30 -8.30
N PHE A 218 2.61 -18.70 -9.00
CA PHE A 218 2.95 -17.97 -10.22
C PHE A 218 3.98 -16.91 -9.92
N PHE A 219 3.76 -16.11 -8.88
CA PHE A 219 4.62 -14.96 -8.61
C PHE A 219 5.99 -15.46 -8.11
N LEU A 220 5.97 -16.30 -7.08
CA LEU A 220 7.26 -16.68 -6.43
C LEU A 220 8.08 -17.47 -7.44
N SER A 221 7.46 -18.23 -8.33
CA SER A 221 8.25 -19.04 -9.28
C SER A 221 8.97 -18.14 -10.30
N LEU A 222 8.57 -16.89 -10.52
CA LEU A 222 9.30 -16.00 -11.43
C LEU A 222 10.75 -15.84 -10.94
N ALA A 223 10.97 -15.82 -9.63
CA ALA A 223 12.29 -15.64 -9.01
C ALA A 223 13.12 -16.91 -9.10
N GLN A 224 12.53 -18.03 -9.48
CA GLN A 224 13.18 -19.35 -9.73
C GLN A 224 13.45 -19.57 -11.19
N LYS A 225 12.91 -18.70 -12.02
CA LYS A 225 13.00 -18.82 -13.49
C LYS A 225 14.11 -17.92 -14.01
N GLY A 226 14.86 -17.24 -13.14
CA GLY A 226 15.94 -16.34 -13.57
C GLY A 226 15.46 -14.93 -13.83
N TYR A 227 14.22 -14.57 -13.51
CA TYR A 227 13.69 -13.23 -13.85
C TYR A 227 13.96 -12.20 -12.75
N VAL A 228 14.34 -12.68 -11.55
CA VAL A 228 14.66 -11.84 -10.36
C VAL A 228 16.04 -12.22 -9.88
N PRO A 229 16.96 -11.23 -9.77
CA PRO A 229 18.31 -11.53 -9.32
C PRO A 229 18.27 -12.01 -7.87
N ALA A 230 19.19 -12.91 -7.51
CA ALA A 230 19.23 -13.39 -6.11
C ALA A 230 19.33 -12.19 -5.17
N GLU A 231 20.10 -11.14 -5.50
CA GLU A 231 20.39 -10.04 -4.55
C GLU A 231 19.12 -9.23 -4.20
N SER A 232 18.14 -9.21 -5.11
CA SER A 232 16.85 -8.54 -4.90
C SER A 232 16.13 -9.12 -3.68
N LEU A 233 16.27 -10.43 -3.47
CA LEU A 233 15.39 -11.10 -2.47
C LEU A 233 15.62 -10.52 -1.06
N GLU A 234 16.85 -10.08 -0.75
CA GLU A 234 17.05 -9.59 0.62
C GLU A 234 17.00 -8.06 0.71
N LYS A 235 16.57 -7.35 -0.34
CA LYS A 235 16.48 -5.88 -0.26
C LYS A 235 15.09 -5.48 0.19
N ASN A 236 14.95 -4.32 0.82
CA ASN A 236 13.64 -3.68 1.12
C ASN A 236 13.25 -2.82 -0.10
N THR A 237 12.08 -2.18 -0.02
CA THR A 237 11.45 -1.53 -1.17
C THR A 237 12.29 -0.29 -1.48
N ALA A 238 12.85 0.35 -0.46
CA ALA A 238 13.75 1.52 -0.57
C ALA A 238 14.99 1.17 -1.42
N GLN A 239 15.61 0.03 -1.13
CA GLN A 239 16.85 -0.41 -1.82
C GLN A 239 16.49 -0.79 -3.26
N ILE A 240 15.35 -1.45 -3.45
CA ILE A 240 14.98 -1.84 -4.83
C ILE A 240 14.69 -0.58 -5.61
N GLU A 241 14.05 0.40 -4.98
CA GLU A 241 13.77 1.70 -5.65
C GLU A 241 15.08 2.35 -6.07
N ALA A 242 16.09 2.34 -5.21
CA ALA A 242 17.41 2.92 -5.54
C ALA A 242 18.09 2.13 -6.68
N ASP A 243 17.94 0.80 -6.70
CA ASP A 243 18.48 -0.03 -7.80
C ASP A 243 17.79 0.36 -9.11
N PHE A 244 16.48 0.50 -9.09
CA PHE A 244 15.74 0.93 -10.30
C PHE A 244 16.25 2.29 -10.77
N GLN A 245 16.38 3.27 -9.87
CA GLN A 245 16.90 4.60 -10.27
C GLN A 245 18.30 4.51 -10.87
N ALA A 246 19.13 3.59 -10.37
CA ALA A 246 20.54 3.42 -10.82
C ALA A 246 20.63 2.55 -12.08
N GLY A 247 19.51 2.23 -12.73
CA GLY A 247 19.49 1.53 -14.02
C GLY A 247 19.71 0.03 -13.94
N LYS A 248 19.43 -0.58 -12.78
CA LYS A 248 19.71 -2.02 -12.57
C LYS A 248 18.49 -2.91 -12.79
N CYS A 249 17.29 -2.35 -12.99
CA CYS A 249 16.01 -3.05 -12.92
CA CYS A 249 16.01 -3.15 -12.94
C CYS A 249 15.06 -2.62 -14.03
N ALA A 250 14.51 -3.51 -14.88
CA ALA A 250 13.53 -3.13 -15.92
C ALA A 250 12.14 -2.89 -15.30
N VAL A 251 11.76 -3.61 -14.28
CA VAL A 251 10.37 -3.59 -13.75
C VAL A 251 10.41 -3.68 -12.24
N PHE A 252 9.62 -2.89 -11.53
CA PHE A 252 9.42 -3.12 -10.09
C PHE A 252 8.10 -2.44 -9.69
N ALA A 253 7.55 -2.90 -8.59
CA ALA A 253 6.26 -2.39 -8.11
C ALA A 253 6.47 -1.41 -6.97
N SER A 254 5.76 -0.29 -7.05
CA SER A 254 5.79 0.67 -5.93
C SER A 254 4.59 1.62 -6.01
N GLY A 255 4.50 2.57 -5.06
CA GLY A 255 3.47 3.59 -5.15
C GLY A 255 3.94 4.79 -5.95
N PRO A 256 3.10 5.83 -6.01
CA PRO A 256 3.27 6.97 -6.87
C PRO A 256 4.38 7.96 -6.46
N TRP A 257 4.97 7.77 -5.29
CA TRP A 257 6.00 8.72 -4.76
C TRP A 257 7.11 8.87 -5.78
N MET A 258 7.54 7.78 -6.43
CA MET A 258 8.75 7.88 -7.27
C MET A 258 8.53 8.84 -8.44
N ILE A 259 7.28 9.05 -8.87
CA ILE A 259 6.94 9.95 -10.01
C ILE A 259 7.50 11.36 -9.75
N GLN A 260 7.23 11.92 -8.57
CA GLN A 260 7.78 13.23 -8.13
C GLN A 260 9.30 13.24 -8.17
N ARG A 261 9.93 12.16 -7.70
CA ARG A 261 11.41 12.04 -7.53
C ARG A 261 12.10 11.97 -8.89
N ALA A 262 11.42 11.51 -9.93
CA ALA A 262 12.00 11.48 -11.28
C ALA A 262 12.15 12.89 -11.86
N GLN A 263 11.44 13.87 -11.29
CA GLN A 263 11.54 15.29 -11.73
C GLN A 263 12.53 16.09 -10.86
N VAL A 264 13.00 15.53 -9.75
CA VAL A 264 13.94 16.22 -8.80
C VAL A 264 15.36 15.92 -9.26
N PRO A 265 16.26 16.92 -9.41
CA PRO A 265 17.65 16.64 -9.79
C PRO A 265 18.41 15.85 -8.70
N GLU A 266 19.46 15.08 -9.08
CA GLU A 266 20.35 14.33 -8.14
C GLU A 266 20.98 15.27 -7.12
N ALA A 267 21.23 16.53 -7.51
CA ALA A 267 21.77 17.58 -6.62
C ALA A 267 20.77 17.91 -5.50
N LYS A 268 19.49 17.53 -5.65
CA LYS A 268 18.46 17.80 -4.62
C LYS A 268 17.90 16.50 -4.04
N GLY A 269 18.52 15.36 -4.29
CA GLY A 269 18.08 14.11 -3.64
C GLY A 269 17.24 13.23 -4.55
N GLY A 270 16.98 13.67 -5.79
CA GLY A 270 16.17 12.95 -6.80
C GLY A 270 17.01 12.10 -7.74
N PHE A 271 16.44 11.73 -8.90
CA PHE A 271 17.14 10.97 -9.95
C PHE A 271 16.82 11.47 -11.37
N ALA A 272 16.46 12.76 -11.56
CA ALA A 272 16.03 13.32 -12.87
C ALA A 272 17.04 13.02 -13.98
N GLU A 273 18.35 12.99 -13.69
CA GLU A 273 19.42 12.87 -14.73
C GLU A 273 19.64 11.41 -15.16
N ARG A 274 19.20 10.44 -14.35
CA ARG A 274 19.36 9.00 -14.64
C ARG A 274 18.52 8.62 -15.86
N THR A 275 19.00 7.66 -16.62
CA THR A 275 18.29 7.15 -17.80
C THR A 275 16.89 6.72 -17.35
N ALA A 276 16.77 6.10 -16.16
CA ALA A 276 15.50 5.55 -15.66
C ALA A 276 14.45 6.65 -15.57
N ALA A 277 14.83 7.88 -15.18
CA ALA A 277 13.84 8.97 -15.02
C ALA A 277 13.28 9.40 -16.37
N LYS A 278 14.10 9.41 -17.41
CA LYS A 278 13.77 9.84 -18.79
C LYS A 278 13.09 8.74 -19.62
N ASN A 279 12.92 7.55 -19.04
CA ASN A 279 12.46 6.34 -19.75
C ASN A 279 11.57 5.56 -18.77
N LEU A 280 10.67 6.30 -18.16
CA LEU A 280 9.84 5.80 -17.05
C LEU A 280 8.40 5.57 -17.54
N GLY A 281 7.90 4.33 -17.39
CA GLY A 281 6.48 3.99 -17.55
C GLY A 281 5.89 3.43 -16.27
N VAL A 282 4.58 3.49 -16.23
CA VAL A 282 3.75 2.89 -15.16
C VAL A 282 2.69 2.06 -15.83
N ALA A 283 2.32 0.92 -15.25
CA ALA A 283 1.18 0.09 -15.66
C ALA A 283 0.59 -0.55 -14.42
N PRO A 284 -0.73 -0.79 -14.38
CA PRO A 284 -1.31 -1.52 -13.29
C PRO A 284 -0.85 -2.97 -13.29
N TYR A 285 -0.98 -3.64 -12.15
CA TYR A 285 -0.81 -5.10 -12.05
C TYR A 285 -1.64 -5.80 -13.11
N PRO A 286 -1.09 -6.89 -13.69
CA PRO A 286 -1.88 -7.65 -14.66
C PRO A 286 -3.07 -8.34 -14.04
N ALA A 287 -4.08 -8.61 -14.90
CA ALA A 287 -5.25 -9.44 -14.50
C ALA A 287 -4.74 -10.87 -14.37
N GLY A 288 -5.27 -11.57 -13.39
CA GLY A 288 -5.17 -12.98 -13.25
C GLY A 288 -6.38 -13.64 -13.95
N PRO A 289 -6.43 -14.95 -13.81
CA PRO A 289 -7.52 -15.72 -14.43
C PRO A 289 -8.88 -15.29 -13.90
N LYS A 290 -8.93 -14.75 -12.69
CA LYS A 290 -10.18 -14.42 -11.98
C LYS A 290 -10.35 -12.94 -11.76
N GLY A 291 -9.53 -12.06 -12.34
CA GLY A 291 -9.78 -10.62 -12.23
C GLY A 291 -8.52 -9.82 -12.00
N ARG A 292 -8.69 -8.50 -12.00
CA ARG A 292 -7.59 -7.54 -11.89
C ARG A 292 -7.78 -6.79 -10.57
N TYR A 293 -6.72 -6.85 -9.75
CA TYR A 293 -6.73 -6.13 -8.45
C TYR A 293 -5.48 -5.33 -8.16
N THR A 294 -5.67 -4.18 -7.50
CA THR A 294 -4.59 -3.27 -7.08
C THR A 294 -4.67 -3.21 -5.56
N PHE A 295 -3.56 -3.56 -4.89
CA PHE A 295 -3.49 -3.39 -3.43
C PHE A 295 -3.60 -1.94 -2.98
N PHE A 296 -4.49 -1.71 -2.04
CA PHE A 296 -4.61 -0.40 -1.35
C PHE A 296 -4.26 -0.60 0.13
N GLY A 297 -3.47 0.37 0.57
CA GLY A 297 -3.28 0.64 1.99
C GLY A 297 -3.40 2.13 2.20
N GLY A 298 -2.61 2.61 3.14
CA GLY A 298 -2.55 4.05 3.49
C GLY A 298 -2.99 4.26 4.90
N SER A 299 -3.49 5.46 5.15
CA SER A 299 -3.78 5.96 6.50
C SER A 299 -5.12 6.68 6.55
N ASN A 300 -5.72 6.54 7.72
CA ASN A 300 -6.93 7.20 8.16
C ASN A 300 -6.65 8.03 9.40
N LEU A 301 -7.65 8.85 9.76
CA LEU A 301 -7.58 9.62 11.00
C LEU A 301 -8.71 9.19 11.90
N ALA A 302 -8.43 9.18 13.20
CA ALA A 302 -9.45 8.82 14.20
C ALA A 302 -9.39 9.80 15.38
N LEU A 303 -10.50 9.96 16.07
CA LEU A 303 -10.67 10.84 17.23
C LEU A 303 -10.83 9.98 18.48
N PHE A 304 -9.95 10.10 19.49
CA PHE A 304 -10.18 9.37 20.75
C PHE A 304 -11.42 9.92 21.46
N ASN A 305 -12.30 9.02 21.94
CA ASN A 305 -13.54 9.44 22.60
C ASN A 305 -13.25 10.07 23.95
N PHE A 306 -12.04 9.96 24.50
CA PHE A 306 -11.62 10.69 25.72
C PHE A 306 -11.12 12.10 25.48
N SER A 307 -10.99 12.51 24.21
CA SER A 307 -10.65 13.92 23.88
C SER A 307 -11.59 14.93 24.55
N LYS A 308 -11.03 16.03 25.01
CA LYS A 308 -11.84 17.11 25.63
C LYS A 308 -12.15 18.18 24.60
N ASN A 309 -11.79 17.94 23.33
CA ASN A 309 -12.01 18.90 22.24
C ASN A 309 -12.70 18.23 21.09
N LYS A 310 -13.70 17.38 21.32
CA LYS A 310 -14.32 16.56 20.23
C LYS A 310 -14.96 17.44 19.17
N PRO A 311 -15.73 18.49 19.52
CA PRO A 311 -16.37 19.27 18.46
C PRO A 311 -15.38 19.89 17.47
N LEU A 312 -14.32 20.49 17.96
CA LEU A 312 -13.33 21.14 17.10
C LEU A 312 -12.56 20.03 16.36
N ALA A 313 -12.29 18.95 17.06
CA ALA A 313 -11.58 17.82 16.42
C ALA A 313 -12.37 17.30 15.22
N LYS A 314 -13.68 17.18 15.35
CA LYS A 314 -14.53 16.72 14.25
C LYS A 314 -14.43 17.73 13.09
N GLU A 315 -14.36 19.04 13.37
CA GLU A 315 -14.23 20.02 12.29
C GLU A 315 -12.86 19.84 11.61
N LEU A 316 -11.84 19.51 12.36
CA LEU A 316 -10.51 19.28 11.73
C LEU A 316 -10.55 17.99 10.91
N LEU A 317 -11.27 16.97 11.32
CA LEU A 317 -11.38 15.75 10.49
C LEU A 317 -12.05 16.11 9.20
N LYS A 318 -13.16 16.87 9.23
CA LYS A 318 -13.83 17.21 7.97
C LYS A 318 -12.88 17.99 7.09
N TYR A 319 -12.12 18.91 7.65
CA TYR A 319 -11.15 19.72 6.88
C TYR A 319 -10.11 18.79 6.19
N LEU A 320 -9.46 17.94 6.97
CA LEU A 320 -8.38 17.09 6.45
C LEU A 320 -8.99 16.08 5.46
N GLY A 321 -10.24 15.65 5.62
CA GLY A 321 -10.91 14.73 4.69
C GLY A 321 -11.43 15.34 3.40
N GLY A 322 -11.44 16.67 3.32
CA GLY A 322 -12.16 17.37 2.27
C GLY A 322 -11.30 17.74 1.09
N PRO A 323 -11.97 18.17 0.01
CA PRO A 323 -11.28 18.36 -1.26
C PRO A 323 -9.99 19.15 -1.24
N GLU A 324 -10.01 20.32 -0.64
CA GLU A 324 -8.85 21.21 -0.80
C GLU A 324 -7.64 20.61 -0.10
N ALA A 325 -7.85 20.12 1.11
CA ALA A 325 -6.74 19.57 1.93
C ALA A 325 -6.32 18.22 1.31
N GLN A 326 -7.22 17.48 0.68
CA GLN A 326 -6.86 16.19 0.02
C GLN A 326 -5.92 16.43 -1.16
N VAL A 327 -6.23 17.44 -1.97
CA VAL A 327 -5.38 17.79 -3.14
C VAL A 327 -4.03 18.32 -2.62
N ARG A 328 -4.07 19.19 -1.63
CA ARG A 328 -2.84 19.88 -1.15
CA ARG A 328 -2.83 19.86 -1.21
C ARG A 328 -1.90 18.83 -0.60
N TYR A 329 -2.40 17.95 0.27
CA TYR A 329 -1.47 17.06 0.98
C TYR A 329 -0.77 16.14 0.01
N ALA A 330 -1.46 15.70 -1.06
CA ALA A 330 -0.92 14.78 -2.06
C ALA A 330 0.32 15.32 -2.71
N GLN A 331 0.45 16.63 -2.83
CA GLN A 331 1.67 17.26 -3.40
C GLN A 331 2.84 16.97 -2.47
N MET A 332 2.55 16.84 -1.15
CA MET A 332 3.64 16.72 -0.18
C MET A 332 3.91 15.22 0.07
N THR A 333 2.91 14.32 0.16
CA THR A 333 3.12 12.88 0.43
C THR A 333 3.48 12.09 -0.84
N GLY A 334 3.08 12.63 -1.97
CA GLY A 334 3.17 11.86 -3.23
C GLY A 334 2.14 10.76 -3.28
N MET A 335 1.22 10.70 -2.37
CA MET A 335 0.26 9.57 -2.31
C MET A 335 -1.08 9.99 -2.93
N LEU A 336 -1.96 9.05 -3.20
CA LEU A 336 -3.26 9.36 -3.84
C LEU A 336 -4.18 9.82 -2.73
N PRO A 337 -4.97 10.87 -2.98
CA PRO A 337 -6.02 11.23 -2.04
C PRO A 337 -6.92 10.04 -1.68
N ALA A 338 -7.42 10.02 -0.44
CA ALA A 338 -8.45 9.06 -0.07
C ALA A 338 -9.80 9.46 -0.61
N LEU A 339 -10.04 10.72 -0.81
CA LEU A 339 -11.32 11.30 -1.26
C LEU A 339 -11.36 11.21 -2.76
N ARG A 340 -12.24 10.39 -3.29
CA ARG A 340 -12.22 10.01 -4.74
C ARG A 340 -12.41 11.22 -5.65
N SER A 341 -13.17 12.23 -5.22
CA SER A 341 -13.39 13.45 -6.01
C SER A 341 -12.09 14.14 -6.32
N ALA A 342 -11.17 14.08 -5.39
CA ALA A 342 -9.91 14.83 -5.52
C ALA A 342 -9.06 14.31 -6.70
N TRP A 343 -9.28 13.09 -7.17
CA TRP A 343 -8.47 12.49 -8.24
C TRP A 343 -8.67 13.24 -9.55
N SER A 344 -9.73 14.00 -9.69
CA SER A 344 -9.95 14.80 -10.92
C SER A 344 -9.01 16.00 -11.04
N ASP A 345 -8.39 16.42 -9.96
CA ASP A 345 -7.60 17.66 -9.93
C ASP A 345 -6.56 17.58 -11.05
N PRO A 346 -6.32 18.71 -11.72
CA PRO A 346 -5.30 18.78 -12.77
C PRO A 346 -3.89 18.32 -12.34
N SER A 347 -3.60 18.45 -11.05
CA SER A 347 -2.30 17.96 -10.52
C SER A 347 -2.12 16.46 -10.82
N PHE A 348 -3.22 15.70 -10.83
CA PHE A 348 -3.21 14.27 -11.21
C PHE A 348 -3.49 14.08 -12.69
N GLN A 349 -4.50 14.74 -13.22
CA GLN A 349 -5.04 14.33 -14.54
C GLN A 349 -4.10 14.79 -15.64
N GLN A 350 -3.24 15.78 -15.40
CA GLN A 350 -2.32 16.33 -16.44
C GLN A 350 -0.96 15.64 -16.34
N ASN A 351 -0.82 14.61 -15.49
CA ASN A 351 0.46 13.85 -15.34
C ASN A 351 0.15 12.43 -15.80
N PRO A 352 0.70 11.98 -16.97
CA PRO A 352 0.33 10.71 -17.57
C PRO A 352 0.53 9.56 -16.55
N LEU A 353 1.60 9.65 -15.77
CA LEU A 353 1.98 8.52 -14.86
C LEU A 353 1.01 8.51 -13.69
N LEU A 354 0.59 9.68 -13.19
CA LEU A 354 -0.44 9.70 -12.12
C LEU A 354 -1.80 9.30 -12.67
N ARG A 355 -2.16 9.69 -13.91
CA ARG A 355 -3.42 9.20 -14.50
C ARG A 355 -3.42 7.66 -14.56
N THR A 356 -2.28 7.01 -14.84
CA THR A 356 -2.26 5.55 -14.85
C THR A 356 -2.47 4.99 -13.43
N PHE A 357 -1.87 5.59 -12.42
CA PHE A 357 -2.17 5.17 -11.00
C PHE A 357 -3.66 5.28 -10.73
N ILE A 358 -4.32 6.34 -11.26
CA ILE A 358 -5.80 6.47 -11.02
C ILE A 358 -6.56 5.39 -11.79
N GLN A 359 -6.12 5.00 -12.97
CA GLN A 359 -6.66 3.82 -13.68
C GLN A 359 -6.49 2.59 -12.76
N ALA A 360 -5.29 2.43 -12.19
CA ALA A 360 -4.97 1.29 -11.30
C ALA A 360 -5.92 1.32 -10.10
N ALA A 361 -6.25 2.52 -9.65
CA ALA A 361 -7.08 2.69 -8.44
C ALA A 361 -8.45 2.05 -8.63
N GLN A 362 -8.97 1.99 -9.87
CA GLN A 362 -10.33 1.49 -10.10
C GLN A 362 -10.44 0.03 -9.65
N PHE A 363 -9.30 -0.67 -9.61
CA PHE A 363 -9.19 -2.11 -9.28
C PHE A 363 -8.78 -2.26 -7.81
N GLY A 364 -8.96 -1.25 -6.98
CA GLY A 364 -8.42 -1.29 -5.62
C GLY A 364 -9.17 -2.28 -4.74
N ARG A 365 -8.39 -2.87 -3.84
CA ARG A 365 -8.80 -3.91 -2.89
C ARG A 365 -7.96 -3.79 -1.67
N THR A 366 -8.59 -3.97 -0.51
CA THR A 366 -7.98 -3.85 0.86
CA THR A 366 -7.71 -4.09 0.67
C THR A 366 -8.16 -5.22 1.59
N TYR A 367 -7.32 -5.40 2.59
CA TYR A 367 -7.57 -6.49 3.55
C TYR A 367 -8.88 -6.26 4.29
N PRO A 368 -9.58 -7.32 4.72
CA PRO A 368 -10.73 -7.21 5.57
C PRO A 368 -10.38 -6.51 6.87
N SER A 369 -11.27 -5.66 7.37
CA SER A 369 -10.99 -4.78 8.51
C SER A 369 -11.24 -5.49 9.84
N LEU A 370 -10.50 -6.55 10.10
CA LEU A 370 -10.73 -7.42 11.27
C LEU A 370 -10.01 -6.89 12.51
N ALA A 371 -10.60 -7.07 13.68
CA ALA A 371 -9.98 -6.65 14.93
C ALA A 371 -8.67 -7.40 15.14
N GLY A 372 -8.63 -8.60 14.62
CA GLY A 372 -7.44 -9.44 14.84
C GLY A 372 -6.55 -9.49 13.61
N TRP A 373 -6.65 -8.52 12.73
CA TRP A 373 -5.89 -8.49 11.48
C TRP A 373 -4.41 -8.54 11.77
N GLY A 374 -3.90 -7.84 12.79
CA GLY A 374 -2.43 -7.82 12.91
C GLY A 374 -1.91 -9.24 13.23
N GLY A 375 -2.60 -10.04 13.99
CA GLY A 375 -2.14 -11.43 14.25
C GLY A 375 -2.18 -12.26 12.98
N VAL A 376 -3.21 -12.10 12.15
CA VAL A 376 -3.29 -12.75 10.81
C VAL A 376 -2.08 -12.34 9.97
N GLU A 377 -1.81 -11.04 9.87
CA GLU A 377 -0.76 -10.53 8.99
C GLU A 377 0.56 -11.09 9.49
N ASN A 378 0.85 -11.05 10.81
CA ASN A 378 2.18 -11.53 11.27
C ASN A 378 2.34 -12.97 10.82
N LEU A 379 1.36 -13.85 11.04
CA LEU A 379 1.47 -15.28 10.70
C LEU A 379 1.59 -15.46 9.20
N ALA A 380 0.83 -14.71 8.40
CA ALA A 380 0.97 -14.78 6.94
C ALA A 380 2.37 -14.37 6.49
N VAL A 381 2.84 -13.22 6.98
CA VAL A 381 4.21 -12.71 6.66
C VAL A 381 5.24 -13.81 7.00
N GLN A 382 5.19 -14.39 8.19
CA GLN A 382 6.28 -15.29 8.60
C GLN A 382 6.28 -16.49 7.65
N HIS A 383 5.09 -16.98 7.28
CA HIS A 383 5.02 -18.22 6.48
C HIS A 383 5.35 -17.91 5.02
N LEU A 384 4.95 -16.77 4.49
CA LEU A 384 5.36 -16.30 3.15
C LEU A 384 6.87 -16.13 3.15
N GLY A 385 7.41 -15.59 4.23
CA GLY A 385 8.90 -15.45 4.28
C GLY A 385 9.58 -16.80 4.21
N MET A 386 8.98 -17.86 4.75
CA MET A 386 9.56 -19.24 4.60
C MET A 386 9.47 -19.72 3.13
N ALA A 387 8.42 -19.38 2.41
CA ALA A 387 8.29 -19.73 0.97
C ALA A 387 9.34 -18.96 0.19
N TRP A 388 9.57 -17.70 0.44
CA TRP A 388 10.64 -16.97 -0.24
C TRP A 388 12.00 -17.63 0.12
N ASP A 389 12.14 -18.09 1.37
CA ASP A 389 13.45 -18.64 1.72
C ASP A 389 13.71 -19.88 0.87
N LEU A 390 12.70 -20.66 0.50
CA LEU A 390 12.85 -21.82 -0.40
C LEU A 390 13.17 -21.36 -1.82
N VAL A 391 12.53 -20.27 -2.27
CA VAL A 391 12.90 -19.60 -3.55
C VAL A 391 14.40 -19.27 -3.61
N ALA A 392 14.98 -18.81 -2.51
CA ALA A 392 16.41 -18.40 -2.44
C ALA A 392 17.33 -19.59 -2.62
N GLN A 393 16.79 -20.77 -2.48
CA GLN A 393 17.52 -22.05 -2.65
C GLN A 393 17.17 -22.73 -3.99
N GLY A 394 16.20 -22.15 -4.66
CA GLY A 394 15.63 -22.79 -5.88
C GLY A 394 14.84 -24.02 -5.54
N ARG A 395 14.27 -24.13 -4.36
CA ARG A 395 13.56 -25.31 -3.85
C ARG A 395 12.08 -25.06 -3.55
N LEU A 396 11.49 -23.96 -4.04
CA LEU A 396 10.04 -23.86 -3.86
C LEU A 396 9.31 -24.74 -4.89
N THR A 397 8.68 -25.80 -4.46
CA THR A 397 7.79 -26.60 -5.30
C THR A 397 6.34 -26.28 -4.94
N ARG A 398 5.39 -26.64 -5.78
CA ARG A 398 3.99 -26.43 -5.39
C ARG A 398 3.70 -27.18 -4.08
N GLU A 399 4.18 -28.41 -3.91
CA GLU A 399 3.82 -29.18 -2.70
C GLU A 399 4.42 -28.49 -1.47
N ALA A 400 5.66 -27.99 -1.56
CA ALA A 400 6.33 -27.32 -0.42
C ALA A 400 5.52 -26.06 -0.08
N LEU A 401 5.15 -25.31 -1.10
CA LEU A 401 4.34 -24.07 -0.91
C LEU A 401 3.02 -24.42 -0.19
N LYS A 402 2.31 -25.47 -0.65
CA LYS A 402 1.06 -25.95 -0.02
C LYS A 402 1.33 -26.32 1.41
N ASP A 403 2.40 -27.05 1.69
CA ASP A 403 2.63 -27.46 3.08
C ASP A 403 2.87 -26.23 3.99
N LEU A 404 3.58 -25.22 3.52
CA LEU A 404 3.80 -23.97 4.29
C LEU A 404 2.47 -23.26 4.55
N MET A 405 1.62 -23.21 3.53
CA MET A 405 0.35 -22.45 3.61
C MET A 405 -0.62 -23.28 4.46
N ASP A 406 -0.50 -24.61 4.46
CA ASP A 406 -1.28 -25.44 5.40
C ASP A 406 -0.91 -25.04 6.84
N LYS A 407 0.38 -24.97 7.11
CA LYS A 407 0.81 -24.60 8.48
C LYS A 407 0.36 -23.18 8.81
N ALA A 408 0.48 -22.27 7.85
CA ALA A 408 0.04 -20.89 8.06
C ALA A 408 -1.45 -20.86 8.39
N SER A 409 -2.22 -21.68 7.65
CA SER A 409 -3.68 -21.66 7.81
C SER A 409 -4.09 -22.23 9.18
N ALA A 410 -3.42 -23.26 9.68
CA ALA A 410 -3.73 -23.79 11.03
C ALA A 410 -3.44 -22.71 12.06
N ALA A 411 -2.35 -21.98 11.89
CA ALA A 411 -1.94 -20.97 12.89
C ALA A 411 -2.94 -19.84 12.86
N ILE A 412 -3.32 -19.42 11.65
CA ILE A 412 -4.24 -18.29 11.47
C ILE A 412 -5.59 -18.71 12.03
N ASN A 413 -6.06 -19.88 11.62
CA ASN A 413 -7.40 -20.36 12.09
C ASN A 413 -7.46 -20.34 13.62
N GLN A 414 -6.41 -20.83 14.27
CA GLN A 414 -6.28 -20.74 15.76
C GLN A 414 -6.32 -19.29 16.26
N ALA A 415 -5.59 -18.36 15.67
CA ALA A 415 -5.56 -16.93 16.02
C ALA A 415 -6.98 -16.35 15.91
N LEU A 416 -7.75 -16.78 14.90
CA LEU A 416 -9.07 -16.18 14.60
C LEU A 416 -10.11 -16.74 15.58
N ARG A 417 -9.80 -17.85 16.22
CA ARG A 417 -10.69 -18.43 17.27
C ARG A 417 -10.51 -17.73 18.61
N HIS A 418 -9.49 -16.89 18.84
CA HIS A 418 -9.26 -16.15 20.14
C HIS A 418 -9.43 -14.64 19.96
N HIS A 419 -9.89 -13.88 20.99
CA HIS A 419 -10.30 -12.45 20.87
C HIS A 419 -9.83 -11.60 22.06
#